data_3S9J
#
_entry.id   3S9J
#
_cell.length_a   113.551
_cell.length_b   113.551
_cell.length_c   77.697
_cell.angle_alpha   90.000
_cell.angle_beta   90.000
_cell.angle_gamma   120.000
#
_symmetry.space_group_name_H-M   'P 63'
#
loop_
_entity.id
_entity.type
_entity.pdbx_description
1 polymer 'Member of DUF4221 family'
2 non-polymer 'SODIUM ION'
3 non-polymer 'FORMIC ACID'
4 non-polymer GLYCEROL
5 water water
#
_entity_poly.entity_id   1
_entity_poly.type   'polypeptide(L)'
_entity_poly.pdbx_seq_one_letter_code
;GAGKQNEVELVAEKQLAFPLDEQTYYLSKS(MSE)FQFEENGKEYLHFENTQKSLYDIVIFDIENQQIAKRIPLHKTGPN
GLPAVFGSRPSPDSQYILVAQNNISRLSSINSQGEIIRNYNFQTPEGRFTPLSFGSYYNAPAFIKDSCIFLRQEILKPD
(MSE)KKEDWPRTH(MSE)FASQDLRTGEVKWIPIFYPPIFKEEYDNIAGGYGFSYDYNYKESRLVCGFFGYDSL(MSE)
VTDDLKHIRWYNAKSRYLKS(MSE)KPKLGNS(MSE)EGINAIIKLNENPRYWHI(MSE)YDKYRNVYYRFAE(MSE)PY
KLAPNESPYETPKGKEFSVIVLNADFEIIGETKFPGKKYFYK(MSE)SFVGREGLYISENNLENPQFDENKLVFTCFKIK
NASPNK
;
_entity_poly.pdbx_strand_id   A
#
# COMPACT_ATOMS: atom_id res chain seq x y z
N LYS A 4 4.23 -28.06 -3.02
CA LYS A 4 2.75 -27.99 -3.14
C LYS A 4 2.23 -26.70 -2.46
N GLN A 5 0.91 -26.52 -2.56
CA GLN A 5 0.28 -25.29 -2.06
CA GLN A 5 0.23 -25.32 -2.06
CA GLN A 5 0.23 -25.32 -2.06
C GLN A 5 0.01 -25.30 -0.55
N ASN A 6 0.45 -26.37 0.15
CA ASN A 6 0.29 -26.42 1.63
CA ASN A 6 0.27 -26.54 1.61
C ASN A 6 1.59 -26.79 2.36
N GLU A 7 2.73 -26.38 1.82
CA GLU A 7 4.01 -26.66 2.47
CA GLU A 7 4.03 -26.62 2.45
C GLU A 7 4.21 -25.78 3.72
N VAL A 8 3.82 -24.50 3.65
CA VAL A 8 4.08 -23.61 4.76
C VAL A 8 2.84 -22.95 5.33
N GLU A 9 3.01 -22.40 6.52
CA GLU A 9 1.99 -21.58 7.16
C GLU A 9 2.65 -20.42 7.93
N LEU A 10 1.85 -19.41 8.23
CA LEU A 10 2.31 -18.26 8.99
C LEU A 10 1.92 -18.40 10.46
N VAL A 11 2.90 -18.21 11.34
CA VAL A 11 2.72 -18.42 12.77
C VAL A 11 3.20 -17.23 13.57
N ALA A 12 2.35 -16.73 14.47
CA ALA A 12 2.68 -15.58 15.31
C ALA A 12 3.87 -15.88 16.22
N GLU A 13 4.85 -14.99 16.24
CA GLU A 13 6.02 -15.17 17.07
C GLU A 13 6.33 -14.19 18.20
C GLU A 13 5.83 -13.94 18.00
N LYS A 14 6.66 -12.93 17.89
CA LYS A 14 6.70 -11.90 18.91
CA LYS A 14 6.69 -11.91 18.93
C LYS A 14 5.83 -10.70 18.52
N GLN A 15 5.68 -9.77 19.46
CA GLN A 15 5.00 -8.52 19.20
C GLN A 15 5.93 -7.32 19.33
N LEU A 16 5.64 -6.29 18.57
CA LEU A 16 6.27 -4.99 18.68
CA LEU A 16 6.27 -5.03 18.62
C LEU A 16 5.23 -4.05 19.19
N ALA A 17 5.60 -3.20 20.14
CA ALA A 17 4.65 -2.22 20.69
C ALA A 17 5.33 -0.88 20.87
N PHE A 18 4.79 0.14 20.23
CA PHE A 18 5.31 1.49 20.34
C PHE A 18 4.34 2.38 21.13
N PRO A 19 4.73 2.80 22.32
CA PRO A 19 3.89 3.71 23.08
C PRO A 19 3.85 5.08 22.43
N LEU A 20 2.66 5.65 22.37
CA LEU A 20 2.39 6.93 21.72
C LEU A 20 1.84 7.94 22.72
N ASP A 21 1.76 9.18 22.30
CA ASP A 21 0.98 10.17 23.01
C ASP A 21 0.22 11.00 21.99
N GLU A 22 -0.27 12.17 22.38
CA GLU A 22 -1.10 13.00 21.49
C GLU A 22 -0.37 13.50 20.24
N GLN A 23 0.97 13.49 20.26
CA GLN A 23 1.74 13.93 19.10
C GLN A 23 1.83 12.93 17.96
N THR A 24 1.45 11.69 18.19
CA THR A 24 1.51 10.66 17.15
C THR A 24 0.21 9.89 17.12
N TYR A 25 -0.51 9.94 16.00
CA TYR A 25 -1.75 9.16 15.88
C TYR A 25 -1.41 7.74 15.48
N TYR A 26 -2.21 6.77 15.93
CA TYR A 26 -1.82 5.36 15.76
C TYR A 26 -1.95 4.85 14.33
N LEU A 27 -2.70 5.57 13.51
CA LEU A 27 -2.93 5.20 12.10
CA LEU A 27 -2.90 5.17 12.12
C LEU A 27 -2.08 6.04 11.18
N SER A 28 -1.37 5.35 10.27
CA SER A 28 -0.73 5.96 9.14
C SER A 28 -1.13 5.25 7.86
N LYS A 29 -1.36 6.01 6.80
CA LYS A 29 -1.62 5.45 5.47
C LYS A 29 -0.39 5.37 4.60
N SER A 30 0.77 5.74 5.14
CA SER A 30 2.03 5.71 4.39
C SER A 30 3.17 5.36 5.36
N PHE A 32 6.37 2.61 5.91
CA PHE A 32 7.26 1.69 5.21
C PHE A 32 8.47 1.36 6.05
N GLN A 33 8.85 0.09 6.05
CA GLN A 33 10.08 -0.34 6.70
C GLN A 33 11.27 0.04 5.80
N PHE A 34 12.37 0.42 6.44
CA PHE A 34 13.62 0.71 5.75
C PHE A 34 14.82 0.44 6.67
N GLU A 35 15.98 0.29 6.04
CA GLU A 35 17.24 0.15 6.73
C GLU A 35 18.07 1.41 6.59
N GLU A 36 18.74 1.79 7.68
CA GLU A 36 19.64 2.91 7.69
C GLU A 36 20.69 2.71 8.80
N ASN A 37 21.94 2.98 8.47
CA ASN A 37 23.03 2.89 9.43
C ASN A 37 23.09 1.53 10.13
N GLY A 38 22.76 0.45 9.42
CA GLY A 38 22.85 -0.90 9.98
C GLY A 38 21.68 -1.38 10.83
N LYS A 39 20.62 -0.56 10.91
CA LYS A 39 19.43 -0.89 11.71
CA LYS A 39 19.43 -0.89 11.71
CA LYS A 39 19.43 -0.89 11.71
C LYS A 39 18.15 -0.74 10.87
N GLU A 40 17.07 -1.41 11.30
CA GLU A 40 15.81 -1.25 10.61
C GLU A 40 14.88 -0.30 11.39
N TYR A 41 14.12 0.45 10.62
CA TYR A 41 13.22 1.45 11.11
C TYR A 41 11.87 1.34 10.38
N LEU A 42 10.86 1.99 10.97
CA LEU A 42 9.60 2.21 10.29
CA LEU A 42 9.59 2.23 10.30
C LEU A 42 9.42 3.71 10.05
N HIS A 43 9.32 4.07 8.78
CA HIS A 43 8.93 5.40 8.34
C HIS A 43 7.40 5.47 8.51
N PHE A 44 6.91 6.40 9.32
CA PHE A 44 5.49 6.44 9.64
C PHE A 44 4.99 7.86 9.40
N GLU A 45 4.32 8.05 8.27
CA GLU A 45 3.78 9.37 7.96
C GLU A 45 2.68 9.68 8.96
N ASN A 46 2.80 10.78 9.65
CA ASN A 46 1.87 11.11 10.77
C ASN A 46 1.10 12.36 10.37
N THR A 47 0.20 12.18 9.40
CA THR A 47 -0.55 13.30 8.82
C THR A 47 -2.06 13.15 9.03
N GLN A 48 -2.47 12.15 9.80
CA GLN A 48 -3.91 12.01 10.10
C GLN A 48 -4.37 13.09 11.06
N LYS A 49 -5.64 13.43 10.94
CA LYS A 49 -6.23 14.39 11.85
C LYS A 49 -5.49 15.70 11.87
N SER A 50 -5.17 16.27 13.02
CA SER A 50 -4.52 17.56 13.08
CA SER A 50 -4.52 17.57 13.04
C SER A 50 -3.00 17.45 12.99
N LEU A 51 -2.49 16.23 12.94
CA LEU A 51 -1.05 16.02 12.96
CA LEU A 51 -1.06 15.97 12.96
C LEU A 51 -0.45 16.22 11.58
N TYR A 52 0.80 16.63 11.54
CA TYR A 52 1.45 16.86 10.24
C TYR A 52 2.98 16.79 10.34
N ASP A 53 3.48 15.57 10.43
CA ASP A 53 4.91 15.30 10.43
C ASP A 53 5.16 13.85 10.06
N ILE A 54 6.43 13.45 10.08
CA ILE A 54 6.79 12.07 9.89
C ILE A 54 7.50 11.60 11.14
N VAL A 55 7.09 10.44 11.64
CA VAL A 55 7.75 9.81 12.76
C VAL A 55 8.54 8.60 12.26
N ILE A 56 9.76 8.45 12.77
CA ILE A 56 10.54 7.28 12.48
C ILE A 56 10.61 6.44 13.74
N PHE A 57 10.14 5.19 13.65
CA PHE A 57 10.19 4.28 14.77
C PHE A 57 11.41 3.36 14.69
N ASP A 58 12.04 3.15 15.84
CA ASP A 58 13.17 2.21 16.04
C ASP A 58 12.65 0.84 16.40
N ILE A 59 12.76 -0.12 15.46
CA ILE A 59 12.16 -1.43 15.63
C ILE A 59 12.81 -2.23 16.76
N GLU A 60 14.15 -2.27 16.77
CA GLU A 60 14.90 -3.03 17.79
C GLU A 60 14.56 -2.53 19.19
N ASN A 61 14.46 -1.20 19.34
CA ASN A 61 14.28 -0.58 20.65
C ASN A 61 12.83 -0.23 20.98
N GLN A 62 11.91 -0.57 20.08
CA GLN A 62 10.48 -0.32 20.26
C GLN A 62 10.14 1.06 20.82
N GLN A 63 10.63 2.08 20.12
CA GLN A 63 10.41 3.46 20.54
C GLN A 63 10.51 4.38 19.32
N ILE A 64 10.16 5.65 19.51
CA ILE A 64 10.40 6.68 18.51
C ILE A 64 11.90 7.01 18.40
N ALA A 65 12.40 6.94 17.17
CA ALA A 65 13.82 7.35 16.85
C ALA A 65 13.94 8.83 16.58
N LYS A 66 13.06 9.37 15.75
CA LYS A 66 13.08 10.79 15.45
C LYS A 66 11.77 11.24 14.86
N ARG A 67 11.63 12.56 14.79
CA ARG A 67 10.45 13.22 14.26
C ARG A 67 10.94 14.19 13.22
N ILE A 68 10.43 14.02 12.01
CA ILE A 68 10.77 14.89 10.89
C ILE A 68 9.65 15.90 10.71
N PRO A 69 9.95 17.19 10.93
CA PRO A 69 8.87 18.17 10.84
C PRO A 69 8.44 18.39 9.40
N LEU A 70 7.16 18.71 9.23
CA LEU A 70 6.59 19.11 7.94
C LEU A 70 5.89 20.44 8.15
N HIS A 71 6.27 21.46 7.37
CA HIS A 71 5.67 22.78 7.49
C HIS A 71 4.71 23.02 6.34
N LYS A 72 3.59 23.67 6.63
CA LYS A 72 2.56 23.93 5.62
C LYS A 72 2.94 25.12 4.76
N THR A 73 3.64 26.09 5.35
CA THR A 73 3.95 27.35 4.71
C THR A 73 5.41 27.71 4.90
N GLY A 74 5.85 28.70 4.15
CA GLY A 74 7.20 29.19 4.29
C GLY A 74 8.11 28.62 3.21
N PRO A 75 9.42 28.83 3.36
CA PRO A 75 10.33 28.35 2.33
C PRO A 75 10.39 26.81 2.20
N ASN A 76 10.01 26.12 3.27
CA ASN A 76 9.93 24.65 3.24
C ASN A 76 8.49 24.17 3.26
N GLY A 77 7.57 25.01 2.78
CA GLY A 77 6.16 24.71 2.80
C GLY A 77 5.74 23.55 1.90
N LEU A 78 5.06 22.60 2.52
CA LEU A 78 4.47 21.45 1.86
C LEU A 78 2.98 21.50 2.15
N PRO A 79 2.20 22.11 1.23
CA PRO A 79 0.79 22.37 1.49
C PRO A 79 -0.10 21.16 1.66
N ALA A 80 0.23 20.01 1.05
CA ALA A 80 -0.75 18.93 0.91
C ALA A 80 -0.20 17.51 0.85
N VAL A 81 0.68 17.21 1.81
CA VAL A 81 1.27 15.89 1.91
C VAL A 81 0.26 14.80 2.20
N PHE A 82 0.31 13.81 1.34
CA PHE A 82 -0.39 12.55 1.54
CA PHE A 82 -0.46 12.56 1.46
C PHE A 82 0.32 11.46 0.77
N GLY A 83 1.22 10.83 1.50
CA GLY A 83 2.11 9.81 0.98
C GLY A 83 3.55 10.31 1.09
N SER A 84 4.41 9.44 1.60
CA SER A 84 5.81 9.77 1.78
C SER A 84 6.61 8.50 1.90
N ARG A 85 7.85 8.51 1.40
CA ARG A 85 8.61 7.30 1.33
C ARG A 85 10.10 7.54 1.53
N PRO A 86 10.74 6.67 2.31
CA PRO A 86 12.22 6.69 2.41
C PRO A 86 12.79 6.32 1.06
N SER A 87 13.78 7.07 0.58
CA SER A 87 14.18 6.98 -0.81
C SER A 87 15.73 6.96 -0.95
N PRO A 88 16.39 5.97 -0.34
CA PRO A 88 15.86 4.75 0.32
C PRO A 88 15.77 4.80 1.83
N ASP A 89 16.26 5.88 2.43
CA ASP A 89 16.27 6.03 3.88
C ASP A 89 15.76 7.40 4.25
N SER A 90 15.95 7.82 5.50
CA SER A 90 15.35 9.06 5.99
C SER A 90 16.11 10.31 5.59
N GLN A 91 17.26 10.15 4.94
CA GLN A 91 18.04 11.32 4.53
C GLN A 91 17.53 12.00 3.28
N TYR A 92 16.73 11.25 2.52
CA TYR A 92 16.14 11.75 1.28
C TYR A 92 14.83 11.03 1.11
N ILE A 93 13.78 11.82 1.32
CA ILE A 93 12.41 11.34 1.38
C ILE A 93 11.62 12.01 0.26
N LEU A 94 10.80 11.24 -0.44
CA LEU A 94 9.92 11.77 -1.46
C LEU A 94 8.50 11.83 -0.89
N VAL A 95 7.81 12.95 -1.15
CA VAL A 95 6.45 13.11 -0.65
CA VAL A 95 6.50 13.22 -0.64
C VAL A 95 5.52 13.48 -1.80
N ALA A 96 4.33 12.92 -1.73
CA ALA A 96 3.28 13.13 -2.75
C ALA A 96 2.30 14.18 -2.22
N GLN A 97 1.98 15.15 -3.07
CA GLN A 97 1.03 16.20 -2.73
C GLN A 97 -0.01 16.24 -3.85
N ASN A 98 -0.84 15.21 -3.86
CA ASN A 98 -1.90 15.08 -4.87
C ASN A 98 -2.69 16.34 -5.18
N ASN A 99 -3.18 17.04 -4.14
CA ASN A 99 -4.16 18.08 -4.33
C ASN A 99 -3.59 19.29 -5.06
N ILE A 100 -2.26 19.42 -5.10
CA ILE A 100 -1.61 20.50 -5.78
C ILE A 100 -0.68 20.01 -6.94
N SER A 101 -0.86 18.76 -7.36
CA SER A 101 -0.12 18.18 -8.48
C SER A 101 1.40 18.30 -8.28
N ARG A 102 1.89 17.98 -7.09
CA ARG A 102 3.30 18.20 -6.76
C ARG A 102 3.90 16.99 -6.08
N LEU A 103 5.10 16.62 -6.53
CA LEU A 103 5.98 15.73 -5.81
CA LEU A 103 5.98 15.72 -5.77
C LEU A 103 7.10 16.57 -5.20
N SER A 104 7.55 16.25 -3.99
CA SER A 104 8.66 17.01 -3.37
C SER A 104 9.68 16.07 -2.72
N SER A 105 10.96 16.45 -2.76
CA SER A 105 11.97 15.77 -2.00
C SER A 105 12.34 16.62 -0.80
N ILE A 106 12.51 15.94 0.33
CA ILE A 106 12.88 16.61 1.59
C ILE A 106 14.03 15.89 2.25
N ASN A 107 14.74 16.60 3.13
CA ASN A 107 15.76 15.93 3.97
C ASN A 107 15.20 15.55 5.36
N SER A 108 16.07 15.04 6.24
CA SER A 108 15.65 14.53 7.55
CA SER A 108 15.59 14.54 7.53
C SER A 108 15.21 15.64 8.49
N GLN A 109 15.47 16.90 8.11
CA GLN A 109 15.04 18.06 8.88
CA GLN A 109 15.04 18.06 8.88
C GLN A 109 13.75 18.64 8.30
N GLY A 110 13.18 17.95 7.30
CA GLY A 110 11.96 18.44 6.67
C GLY A 110 12.14 19.61 5.73
N GLU A 111 13.38 19.91 5.34
CA GLU A 111 13.66 20.99 4.41
C GLU A 111 13.49 20.53 3.00
N ILE A 112 12.90 21.37 2.17
CA ILE A 112 12.69 21.03 0.78
C ILE A 112 14.02 21.06 0.01
N ILE A 113 14.26 19.99 -0.70
CA ILE A 113 15.35 19.88 -1.67
C ILE A 113 14.82 20.37 -3.01
N ARG A 114 13.77 19.74 -3.53
CA ARG A 114 13.12 20.21 -4.74
CA ARG A 114 13.15 20.12 -4.80
C ARG A 114 11.64 19.95 -4.76
N ASN A 115 10.89 20.86 -5.40
CA ASN A 115 9.48 20.64 -5.74
C ASN A 115 9.39 20.29 -7.21
N TYR A 116 8.54 19.33 -7.57
CA TYR A 116 8.28 18.96 -8.94
C TYR A 116 6.79 19.06 -9.23
N ASN A 117 6.43 19.71 -10.32
CA ASN A 117 5.08 19.63 -10.86
C ASN A 117 4.89 18.29 -11.53
N PHE A 118 3.80 17.59 -11.21
CA PHE A 118 3.55 16.26 -11.80
CA PHE A 118 3.53 16.29 -11.75
C PHE A 118 2.15 16.29 -12.39
N GLN A 119 2.09 16.35 -13.72
CA GLN A 119 0.84 16.30 -14.46
C GLN A 119 1.12 15.37 -15.61
N THR A 120 0.08 15.05 -16.38
CA THR A 120 0.26 14.23 -17.54
C THR A 120 1.11 15.03 -18.53
N PRO A 121 1.73 14.35 -19.48
CA PRO A 121 2.48 15.10 -20.53
C PRO A 121 1.67 16.24 -21.15
N GLU A 122 0.38 16.01 -21.42
CA GLU A 122 -0.48 17.05 -21.98
C GLU A 122 -0.94 18.12 -20.98
N GLY A 123 -0.56 18.00 -19.71
CA GLY A 123 -0.79 19.05 -18.75
C GLY A 123 -2.08 18.85 -17.94
N ARG A 124 -2.59 17.63 -17.90
CA ARG A 124 -3.81 17.32 -17.16
CA ARG A 124 -3.82 17.31 -17.17
C ARG A 124 -3.51 16.86 -15.73
N PHE A 125 -4.45 17.13 -14.83
CA PHE A 125 -4.37 16.60 -13.49
C PHE A 125 -4.36 15.08 -13.57
N THR A 126 -3.50 14.45 -12.77
CA THR A 126 -3.50 13.00 -12.62
C THR A 126 -3.23 12.66 -11.14
N PRO A 127 -4.01 11.73 -10.56
CA PRO A 127 -3.77 11.43 -9.13
C PRO A 127 -2.33 11.00 -8.84
N LEU A 128 -1.75 11.59 -7.81
CA LEU A 128 -0.37 11.30 -7.36
CA LEU A 128 -0.37 11.30 -7.39
C LEU A 128 -0.43 10.66 -5.99
N SER A 129 -0.01 9.42 -5.89
CA SER A 129 -0.02 8.77 -4.61
C SER A 129 0.98 7.64 -4.53
N PHE A 130 1.43 7.42 -3.30
CA PHE A 130 2.09 6.19 -2.89
C PHE A 130 1.81 6.07 -1.39
N GLY A 131 1.90 4.86 -0.88
CA GLY A 131 1.50 4.59 0.50
C GLY A 131 1.38 3.12 0.78
N SER A 132 0.77 2.81 1.93
CA SER A 132 0.75 1.45 2.44
C SER A 132 -0.66 0.98 2.72
N TYR A 133 -1.66 1.87 2.69
CA TYR A 133 -3.01 1.50 3.15
C TYR A 133 -3.51 0.35 2.26
N TYR A 134 -3.22 0.45 0.96
CA TYR A 134 -2.90 -0.72 0.14
C TYR A 134 -1.44 -0.55 -0.28
N ASN A 135 -0.72 -1.64 -0.37
CA ASN A 135 0.70 -1.54 -0.65
C ASN A 135 0.90 -0.91 -2.06
N ALA A 136 1.48 0.28 -2.08
CA ALA A 136 1.75 1.02 -3.30
C ALA A 136 3.01 1.88 -3.06
N PRO A 137 4.17 1.24 -3.00
CA PRO A 137 5.34 1.87 -2.42
C PRO A 137 6.07 2.86 -3.33
N ALA A 138 5.67 2.89 -4.60
CA ALA A 138 6.45 3.49 -5.69
C ALA A 138 7.78 2.75 -5.76
N PHE A 139 8.60 3.09 -6.75
CA PHE A 139 9.93 2.55 -6.84
C PHE A 139 10.79 3.51 -7.68
N ILE A 140 12.08 3.39 -7.51
CA ILE A 140 13.05 4.28 -8.18
C ILE A 140 13.95 3.42 -9.04
N LYS A 141 13.99 3.76 -10.32
CA LYS A 141 14.89 3.06 -11.28
C LYS A 141 15.55 4.16 -12.11
N ASP A 142 16.89 4.13 -12.18
CA ASP A 142 17.65 5.08 -12.99
CA ASP A 142 17.66 5.10 -12.98
C ASP A 142 17.24 6.54 -12.68
N SER A 143 17.15 6.85 -11.39
CA SER A 143 16.82 8.20 -10.88
C SER A 143 15.47 8.78 -11.35
N CYS A 144 14.52 7.90 -11.63
CA CYS A 144 13.13 8.27 -11.85
C CYS A 144 12.25 7.55 -10.85
N ILE A 145 11.22 8.25 -10.39
CA ILE A 145 10.23 7.66 -9.48
C ILE A 145 9.03 7.20 -10.30
N PHE A 146 8.60 5.97 -10.07
CA PHE A 146 7.51 5.31 -10.78
C PHE A 146 6.34 5.19 -9.86
N LEU A 147 5.18 5.56 -10.37
CA LEU A 147 3.92 5.71 -9.62
CA LEU A 147 3.99 5.38 -9.56
C LEU A 147 2.76 5.05 -10.40
N ARG A 148 1.76 4.53 -9.68
CA ARG A 148 0.54 4.09 -10.32
C ARG A 148 -0.16 5.25 -10.99
N GLN A 149 -0.84 4.94 -12.09
CA GLN A 149 -1.70 5.91 -12.74
C GLN A 149 -3.14 5.37 -12.85
N GLU A 150 -4.09 6.29 -12.67
CA GLU A 150 -5.51 5.95 -12.75
CA GLU A 150 -5.53 6.01 -12.75
C GLU A 150 -6.03 6.23 -14.18
N ILE A 151 -7.30 5.89 -14.45
CA ILE A 151 -7.88 6.11 -15.77
C ILE A 151 -8.05 7.62 -16.14
N LEU A 152 -7.98 7.95 -17.41
CA LEU A 152 -7.93 9.35 -17.85
C LEU A 152 -9.27 9.86 -18.37
N LYS A 153 -10.30 9.03 -18.28
CA LYS A 153 -11.63 9.44 -18.68
C LYS A 153 -12.63 8.60 -17.93
N PRO A 154 -13.76 9.21 -17.54
CA PRO A 154 -14.69 8.53 -16.67
C PRO A 154 -15.47 7.36 -17.32
N ASP A 155 -15.70 7.44 -18.64
CA ASP A 155 -16.55 6.47 -19.36
C ASP A 155 -15.74 5.47 -20.19
N LYS A 157 -14.52 2.35 -22.15
CA LYS A 157 -15.00 1.25 -22.97
C LYS A 157 -13.99 0.11 -22.90
N LYS A 158 -14.41 -1.10 -23.26
CA LYS A 158 -13.54 -2.29 -23.24
C LYS A 158 -12.19 -2.02 -23.91
N GLU A 159 -12.24 -1.28 -25.01
CA GLU A 159 -11.08 -1.02 -25.85
C GLU A 159 -10.09 -0.08 -25.20
N ASP A 160 -10.55 0.72 -24.24
CA ASP A 160 -9.70 1.71 -23.62
C ASP A 160 -8.70 1.12 -22.65
N TRP A 161 -9.05 0.04 -21.95
CA TRP A 161 -8.18 -0.52 -20.90
C TRP A 161 -6.74 -0.82 -21.40
N PRO A 162 -6.61 -1.56 -22.52
CA PRO A 162 -5.26 -1.87 -23.01
C PRO A 162 -4.51 -0.70 -23.62
N ARG A 163 -5.17 0.44 -23.73
CA ARG A 163 -4.51 1.69 -24.14
C ARG A 163 -4.26 2.63 -22.97
N THR A 164 -4.62 2.22 -21.75
CA THR A 164 -4.46 3.08 -20.58
C THR A 164 -3.24 2.59 -19.79
N HIS A 165 -2.34 3.52 -19.46
CA HIS A 165 -1.10 3.17 -18.77
C HIS A 165 -1.36 2.96 -17.28
N PHE A 167 1.35 2.88 -15.14
CA PHE A 167 2.39 3.60 -14.45
C PHE A 167 2.92 4.77 -15.27
N ALA A 168 3.44 5.75 -14.56
CA ALA A 168 4.19 6.84 -15.15
C ALA A 168 5.40 7.06 -14.25
N SER A 169 6.45 7.66 -14.82
CA SER A 169 7.64 7.97 -14.01
C SER A 169 7.96 9.44 -14.14
N GLN A 170 8.63 9.99 -13.15
CA GLN A 170 9.13 11.34 -13.20
C GLN A 170 10.62 11.35 -12.91
N ASP A 171 11.38 12.04 -13.77
CA ASP A 171 12.80 12.11 -13.62
C ASP A 171 13.10 13.08 -12.50
N LEU A 172 13.88 12.63 -11.52
CA LEU A 172 14.16 13.46 -10.35
C LEU A 172 15.21 14.56 -10.60
N ARG A 173 15.84 14.54 -11.78
CA ARG A 173 16.69 15.68 -12.17
C ARG A 173 15.89 16.70 -12.98
N THR A 174 15.23 16.24 -14.03
CA THR A 174 14.65 17.15 -15.02
C THR A 174 13.15 17.45 -14.83
N GLY A 175 12.48 16.65 -14.03
CA GLY A 175 11.03 16.73 -13.85
C GLY A 175 10.20 16.09 -14.96
N GLU A 176 10.85 15.57 -16.01
CA GLU A 176 10.12 15.04 -17.15
C GLU A 176 9.30 13.83 -16.72
N VAL A 177 8.03 13.82 -17.10
CA VAL A 177 7.14 12.67 -16.85
C VAL A 177 7.07 11.82 -18.13
N LYS A 178 7.19 10.50 -17.97
CA LYS A 178 7.08 9.55 -19.06
C LYS A 178 5.98 8.55 -18.73
N TRP A 179 5.20 8.19 -19.74
CA TRP A 179 4.25 7.08 -19.57
C TRP A 179 5.04 5.79 -19.75
N ILE A 180 4.79 4.81 -18.90
CA ILE A 180 5.48 3.54 -18.94
C ILE A 180 4.59 2.56 -19.71
N PRO A 181 5.16 1.81 -20.68
CA PRO A 181 4.30 0.98 -21.55
C PRO A 181 3.85 -0.35 -20.90
N ILE A 182 3.18 -0.20 -19.76
CA ILE A 182 2.53 -1.27 -19.02
C ILE A 182 1.09 -0.82 -18.91
N PHE A 183 0.21 -1.58 -19.54
CA PHE A 183 -1.18 -1.17 -19.76
C PHE A 183 -2.14 -2.00 -18.89
N TYR A 184 -3.30 -1.45 -18.62
CA TYR A 184 -4.32 -2.19 -17.89
C TYR A 184 -4.73 -3.42 -18.71
N PRO A 185 -4.93 -4.55 -18.04
CA PRO A 185 -5.28 -5.77 -18.73
C PRO A 185 -6.74 -5.73 -19.20
N PRO A 186 -7.07 -6.49 -20.25
CA PRO A 186 -8.43 -6.49 -20.81
C PRO A 186 -9.38 -7.38 -20.03
N ILE A 187 -9.52 -7.09 -18.74
CA ILE A 187 -10.34 -7.91 -17.84
C ILE A 187 -11.53 -7.14 -17.25
N PHE A 188 -11.81 -5.96 -17.79
CA PHE A 188 -12.85 -5.06 -17.29
C PHE A 188 -13.94 -4.97 -18.34
N LYS A 189 -15.11 -5.51 -18.02
CA LYS A 189 -16.18 -5.75 -18.99
CA LYS A 189 -16.14 -5.69 -19.04
C LYS A 189 -17.28 -4.69 -18.99
N GLU A 190 -17.56 -4.09 -17.84
CA GLU A 190 -18.67 -3.14 -17.72
C GLU A 190 -18.34 -1.81 -18.37
N GLU A 191 -19.33 -1.21 -19.03
CA GLU A 191 -19.14 0.07 -19.69
C GLU A 191 -20.11 1.10 -19.12
N TYR A 192 -19.74 1.66 -18.00
CA TYR A 192 -20.57 2.65 -17.31
C TYR A 192 -20.17 4.07 -17.71
N ASP A 193 -21.09 5.02 -17.57
CA ASP A 193 -20.77 6.42 -17.80
C ASP A 193 -19.77 6.94 -16.78
N ASN A 194 -19.90 6.48 -15.52
CA ASN A 194 -19.00 6.85 -14.45
C ASN A 194 -18.73 5.67 -13.50
N ILE A 195 -17.45 5.35 -13.35
CA ILE A 195 -17.01 4.18 -12.59
C ILE A 195 -16.79 4.56 -11.14
N ALA A 196 -17.36 3.74 -10.24
CA ALA A 196 -17.31 3.96 -8.79
C ALA A 196 -16.10 3.33 -8.15
N GLY A 197 -15.53 2.31 -8.79
CA GLY A 197 -14.25 1.69 -8.36
C GLY A 197 -14.17 0.33 -9.00
N GLY A 198 -13.28 -0.53 -8.52
CA GLY A 198 -13.22 -1.92 -8.99
C GLY A 198 -11.97 -2.26 -9.80
N TYR A 199 -11.20 -1.24 -10.18
CA TYR A 199 -10.02 -1.46 -11.03
C TYR A 199 -8.70 -1.20 -10.28
N GLY A 200 -8.77 -1.18 -8.96
CA GLY A 200 -7.60 -0.95 -8.14
C GLY A 200 -6.62 -2.10 -8.18
N PHE A 201 -5.37 -1.76 -7.89
CA PHE A 201 -4.34 -2.78 -7.72
C PHE A 201 -3.31 -2.35 -6.70
N SER A 202 -2.68 -3.34 -6.10
CA SER A 202 -1.52 -3.16 -5.25
C SER A 202 -0.30 -3.61 -6.03
N TYR A 203 0.88 -3.13 -5.65
CA TYR A 203 2.09 -3.56 -6.37
C TYR A 203 3.25 -3.50 -5.39
N ASP A 204 4.32 -4.18 -5.75
CA ASP A 204 5.56 -4.05 -5.04
C ASP A 204 6.70 -4.23 -6.03
N TYR A 205 7.89 -3.81 -5.63
CA TYR A 205 9.06 -3.84 -6.50
C TYR A 205 10.19 -4.58 -5.80
N ASN A 206 10.73 -5.58 -6.48
CA ASN A 206 11.78 -6.44 -5.99
C ASN A 206 13.08 -5.93 -6.62
N TYR A 207 13.89 -5.25 -5.83
CA TYR A 207 15.12 -4.63 -6.34
C TYR A 207 16.19 -5.65 -6.66
N LYS A 208 16.19 -6.78 -5.96
CA LYS A 208 17.13 -7.87 -6.23
C LYS A 208 17.05 -8.31 -7.69
N GLU A 209 15.84 -8.50 -8.20
CA GLU A 209 15.64 -9.01 -9.55
C GLU A 209 15.13 -7.92 -10.51
N SER A 210 15.01 -6.68 -10.04
CA SER A 210 14.48 -5.58 -10.84
C SER A 210 13.13 -5.97 -11.44
N ARG A 211 12.21 -6.33 -10.53
CA ARG A 211 11.00 -7.03 -10.90
C ARG A 211 9.79 -6.37 -10.21
N LEU A 212 8.80 -6.03 -11.04
CA LEU A 212 7.56 -5.40 -10.62
C LEU A 212 6.49 -6.46 -10.60
N VAL A 213 5.70 -6.47 -9.52
CA VAL A 213 4.59 -7.43 -9.36
C VAL A 213 3.36 -6.59 -9.01
N CYS A 214 2.26 -6.77 -9.76
CA CYS A 214 1.00 -6.07 -9.56
C CYS A 214 -0.12 -7.08 -9.36
N GLY A 215 -0.95 -6.81 -8.36
CA GLY A 215 -2.11 -7.63 -8.02
C GLY A 215 -3.39 -6.80 -8.02
N PHE A 216 -4.17 -6.94 -9.08
CA PHE A 216 -5.50 -6.32 -9.16
C PHE A 216 -6.37 -6.92 -8.08
N PHE A 217 -7.04 -6.06 -7.33
CA PHE A 217 -7.87 -6.51 -6.23
C PHE A 217 -8.93 -7.52 -6.70
N GLY A 218 -9.44 -7.33 -7.91
CA GLY A 218 -10.52 -8.19 -8.40
C GLY A 218 -10.09 -9.39 -9.21
N TYR A 219 -8.83 -9.77 -9.18
CA TYR A 219 -8.31 -10.80 -10.09
C TYR A 219 -7.47 -11.86 -9.41
N ASP A 220 -7.67 -13.11 -9.82
CA ASP A 220 -6.94 -14.26 -9.30
C ASP A 220 -5.44 -14.24 -9.56
N SER A 221 -5.01 -13.54 -10.61
CA SER A 221 -3.62 -13.67 -11.05
C SER A 221 -2.80 -12.41 -10.78
N LEU A 222 -1.53 -12.64 -10.51
CA LEU A 222 -0.54 -11.56 -10.42
C LEU A 222 0.13 -11.31 -11.77
N VAL A 224 3.50 -9.76 -13.64
CA VAL A 224 4.91 -9.59 -13.34
C VAL A 224 5.66 -9.13 -14.58
N THR A 225 6.59 -8.19 -14.41
CA THR A 225 7.46 -7.77 -15.49
C THR A 225 8.84 -7.43 -14.96
N ASP A 226 9.86 -7.83 -15.70
CA ASP A 226 11.28 -7.58 -15.37
C ASP A 226 11.92 -6.46 -16.20
N ASP A 227 11.23 -5.99 -17.24
CA ASP A 227 11.75 -4.94 -18.13
C ASP A 227 10.75 -3.80 -18.34
N LEU A 228 9.74 -3.72 -17.47
CA LEU A 228 8.72 -2.67 -17.56
C LEU A 228 8.04 -2.65 -18.92
N LYS A 229 7.82 -3.84 -19.48
CA LYS A 229 7.23 -3.94 -20.80
C LYS A 229 6.57 -5.31 -21.02
N HIS A 230 7.36 -6.38 -20.94
CA HIS A 230 6.85 -7.72 -21.17
C HIS A 230 6.28 -8.33 -19.88
N ILE A 231 5.04 -8.77 -19.99
CA ILE A 231 4.23 -9.21 -18.88
C ILE A 231 4.10 -10.73 -18.81
N ARG A 232 4.15 -11.26 -17.58
CA ARG A 232 3.85 -12.66 -17.28
C ARG A 232 2.77 -12.70 -16.19
N TRP A 233 1.95 -13.74 -16.22
CA TRP A 233 0.87 -13.87 -15.25
C TRP A 233 1.03 -15.16 -14.46
N TYR A 234 0.78 -15.08 -13.15
CA TYR A 234 0.88 -16.21 -12.25
C TYR A 234 -0.36 -16.29 -11.37
N ASN A 235 -0.89 -17.49 -11.22
CA ASN A 235 -2.04 -17.70 -10.37
C ASN A 235 -1.71 -17.38 -8.92
N ALA A 236 -2.56 -16.60 -8.27
CA ALA A 236 -2.36 -16.23 -6.88
C ALA A 236 -3.72 -16.19 -6.19
N LYS A 237 -4.51 -17.23 -6.40
CA LYS A 237 -5.88 -17.34 -5.89
C LYS A 237 -5.88 -17.94 -4.49
N SER A 238 -6.72 -17.38 -3.62
CA SER A 238 -6.98 -17.96 -2.31
C SER A 238 -7.78 -19.27 -2.42
N ARG A 239 -7.38 -20.28 -1.63
CA ARG A 239 -8.14 -21.53 -1.58
CA ARG A 239 -8.10 -21.56 -1.43
C ARG A 239 -9.52 -21.36 -0.96
N TYR A 240 -9.78 -20.23 -0.30
CA TYR A 240 -11.05 -20.00 0.38
C TYR A 240 -12.03 -19.21 -0.46
N LEU A 241 -11.59 -18.71 -1.62
CA LEU A 241 -12.42 -17.86 -2.48
C LEU A 241 -12.70 -18.49 -3.82
N LYS A 242 -13.91 -18.23 -4.31
CA LYS A 242 -14.29 -18.56 -5.68
C LYS A 242 -13.38 -17.78 -6.62
N SER A 243 -13.04 -18.36 -7.77
CA SER A 243 -12.27 -17.64 -8.78
C SER A 243 -12.98 -16.36 -9.19
N LYS A 245 -12.89 -12.34 -11.47
CA LYS A 245 -12.39 -11.26 -12.31
C LYS A 245 -13.06 -9.96 -11.84
N PRO A 246 -12.46 -8.80 -12.16
CA PRO A 246 -12.99 -7.60 -11.57
C PRO A 246 -14.40 -7.27 -12.00
N LYS A 247 -15.08 -6.58 -11.10
CA LYS A 247 -16.45 -6.12 -11.34
CA LYS A 247 -16.44 -6.14 -11.33
C LYS A 247 -16.42 -4.65 -11.03
N LEU A 248 -16.52 -3.83 -12.06
CA LEU A 248 -16.52 -2.41 -11.85
C LEU A 248 -17.81 -1.98 -11.15
N GLY A 249 -17.71 -1.00 -10.28
CA GLY A 249 -18.87 -0.36 -9.69
C GLY A 249 -19.42 0.73 -10.59
N ASN A 250 -20.74 0.84 -10.59
CA ASN A 250 -21.45 1.88 -11.32
C ASN A 250 -21.77 3.05 -10.37
N SER A 251 -21.25 4.24 -10.66
CA SER A 251 -21.52 5.42 -9.81
C SER A 251 -23.01 5.73 -9.64
N GLU A 253 -25.40 3.78 -9.22
CA GLU A 253 -26.01 2.89 -8.21
C GLU A 253 -25.91 3.54 -6.82
N GLY A 254 -25.05 4.55 -6.68
CA GLY A 254 -24.96 5.28 -5.43
C GLY A 254 -24.16 4.53 -4.39
N ILE A 255 -24.63 4.56 -3.14
CA ILE A 255 -23.86 4.04 -2.04
C ILE A 255 -23.72 2.48 -2.14
N ASN A 256 -24.69 1.84 -2.77
CA ASN A 256 -24.74 0.40 -2.99
CA ASN A 256 -24.62 0.37 -2.84
C ASN A 256 -23.46 -0.10 -3.71
N ALA A 257 -23.04 0.70 -4.70
CA ALA A 257 -21.81 0.38 -5.45
C ALA A 257 -20.57 0.37 -4.55
N ILE A 258 -20.50 1.31 -3.61
CA ILE A 258 -19.42 1.43 -2.67
C ILE A 258 -19.48 0.28 -1.65
N ILE A 259 -20.69 -0.01 -1.18
CA ILE A 259 -20.89 -1.07 -0.17
C ILE A 259 -20.42 -2.44 -0.74
N LYS A 260 -20.81 -2.70 -1.97
CA LYS A 260 -20.49 -3.99 -2.62
C LYS A 260 -18.99 -4.16 -2.71
N LEU A 261 -18.29 -3.11 -3.13
CA LEU A 261 -16.84 -3.20 -3.18
C LEU A 261 -16.19 -3.39 -1.83
N ASN A 262 -16.73 -2.77 -0.79
CA ASN A 262 -16.24 -2.84 0.55
CA ASN A 262 -16.04 -2.90 0.51
C ASN A 262 -16.36 -4.26 1.16
N GLU A 263 -17.53 -4.84 0.91
CA GLU A 263 -17.93 -6.09 1.60
C GLU A 263 -17.57 -7.38 0.84
N ASN A 264 -17.59 -7.33 -0.48
CA ASN A 264 -17.33 -8.53 -1.31
C ASN A 264 -15.89 -9.01 -1.15
N PRO A 265 -15.67 -10.32 -1.39
CA PRO A 265 -14.28 -10.78 -1.35
C PRO A 265 -13.42 -10.12 -2.42
N ARG A 266 -12.14 -9.91 -2.11
CA ARG A 266 -11.20 -9.35 -3.07
C ARG A 266 -9.82 -9.50 -2.51
N TYR A 267 -8.84 -9.32 -3.38
CA TYR A 267 -7.46 -9.31 -2.94
C TYR A 267 -7.11 -7.90 -2.48
N TRP A 268 -6.02 -7.80 -1.71
CA TRP A 268 -5.54 -6.50 -1.22
C TRP A 268 -4.03 -6.42 -1.47
N HIS A 269 -3.19 -6.25 -0.44
CA HIS A 269 -1.76 -6.08 -0.66
C HIS A 269 -1.13 -7.21 -1.46
N ILE A 270 -0.18 -6.86 -2.31
CA ILE A 270 0.89 -7.78 -2.68
C ILE A 270 2.18 -7.18 -2.12
N TYR A 272 6.45 -7.88 -1.29
CA TYR A 272 7.66 -8.64 -1.44
C TYR A 272 8.43 -8.64 -0.13
N ASP A 273 8.93 -9.81 0.27
CA ASP A 273 9.76 -9.98 1.45
C ASP A 273 11.21 -10.13 0.97
N LYS A 274 11.99 -9.06 1.12
CA LYS A 274 13.38 -8.98 0.63
C LYS A 274 14.33 -9.87 1.45
N TYR A 275 13.94 -10.25 2.67
CA TYR A 275 14.79 -11.03 3.57
C TYR A 275 14.68 -12.51 3.27
N ARG A 276 13.46 -12.99 3.07
CA ARG A 276 13.23 -14.41 2.81
C ARG A 276 12.99 -14.73 1.33
N ASN A 277 12.93 -13.70 0.48
CA ASN A 277 12.69 -13.85 -0.96
C ASN A 277 11.36 -14.59 -1.28
N VAL A 278 10.29 -14.12 -0.66
CA VAL A 278 8.93 -14.63 -0.86
C VAL A 278 7.99 -13.46 -1.06
N TYR A 279 6.76 -13.75 -1.46
CA TYR A 279 5.72 -12.73 -1.59
C TYR A 279 4.54 -13.11 -0.71
N TYR A 280 3.84 -12.09 -0.22
CA TYR A 280 2.61 -12.24 0.54
C TYR A 280 1.48 -11.55 -0.22
N ARG A 281 0.40 -12.27 -0.48
CA ARG A 281 -0.79 -11.65 -1.02
C ARG A 281 -1.93 -11.76 -0.01
N PHE A 282 -2.50 -10.62 0.32
CA PHE A 282 -3.62 -10.60 1.27
C PHE A 282 -4.94 -10.79 0.51
N ALA A 283 -5.88 -11.53 1.11
CA ALA A 283 -7.19 -11.77 0.51
C ALA A 283 -8.25 -11.46 1.55
N GLU A 284 -9.29 -10.71 1.16
CA GLU A 284 -10.39 -10.39 2.03
C GLU A 284 -11.50 -11.42 1.81
N PRO A 286 -15.42 -13.06 2.21
CA PRO A 286 -16.71 -12.43 2.02
C PRO A 286 -17.33 -11.91 3.31
N TYR A 287 -18.10 -10.82 3.15
CA TYR A 287 -18.75 -10.15 4.26
C TYR A 287 -19.99 -9.45 3.77
N LYS A 288 -20.88 -9.12 4.69
CA LYS A 288 -22.03 -8.31 4.39
C LYS A 288 -22.05 -7.15 5.40
N LEU A 289 -21.90 -5.94 4.87
CA LEU A 289 -21.87 -4.71 5.70
CA LEU A 289 -21.86 -4.74 5.71
C LEU A 289 -23.15 -4.56 6.48
N ALA A 290 -23.05 -4.50 7.81
CA ALA A 290 -24.21 -4.34 8.67
C ALA A 290 -24.64 -2.86 8.73
N PRO A 291 -25.92 -2.61 9.06
CA PRO A 291 -26.42 -1.24 9.06
C PRO A 291 -25.53 -0.26 9.84
N ASN A 292 -25.03 -0.68 10.97
CA ASN A 292 -24.28 0.30 11.78
C ASN A 292 -22.83 0.49 11.32
N GLU A 293 -22.43 -0.24 10.27
CA GLU A 293 -21.05 -0.14 9.76
C GLU A 293 -20.89 0.88 8.65
N SER A 294 -19.77 1.63 8.62
CA SER A 294 -19.53 2.56 7.55
C SER A 294 -19.33 1.91 6.19
N PRO A 295 -19.95 2.45 5.13
CA PRO A 295 -19.75 1.97 3.78
C PRO A 295 -18.39 2.27 3.19
N TYR A 296 -17.67 3.21 3.82
CA TYR A 296 -16.48 3.75 3.21
CA TYR A 296 -16.45 3.83 3.29
C TYR A 296 -15.18 3.11 3.71
N GLU A 297 -15.26 2.23 4.70
CA GLU A 297 -14.04 1.58 5.20
C GLU A 297 -14.26 0.09 5.40
N THR A 298 -13.17 -0.67 5.33
CA THR A 298 -13.25 -2.11 5.57
C THR A 298 -13.75 -2.37 6.98
N PRO A 299 -14.77 -3.22 7.11
CA PRO A 299 -15.30 -3.49 8.43
C PRO A 299 -14.28 -4.12 9.35
N LYS A 300 -14.39 -3.78 10.64
CA LYS A 300 -13.42 -4.27 11.64
C LYS A 300 -13.54 -5.79 11.75
N GLY A 301 -14.70 -6.34 11.41
CA GLY A 301 -14.89 -7.78 11.49
C GLY A 301 -14.57 -8.60 10.26
N LYS A 302 -14.07 -7.96 9.20
CA LYS A 302 -13.81 -8.69 7.96
C LYS A 302 -12.64 -9.65 8.12
N GLU A 303 -12.86 -10.92 7.79
CA GLU A 303 -11.80 -11.90 7.87
CA GLU A 303 -11.81 -11.93 7.87
C GLU A 303 -10.89 -11.79 6.66
N PHE A 304 -9.68 -12.30 6.81
CA PHE A 304 -8.72 -12.26 5.71
C PHE A 304 -7.75 -13.42 5.78
N SER A 305 -7.03 -13.63 4.68
CA SER A 305 -5.97 -14.58 4.65
C SER A 305 -4.73 -13.94 4.05
N VAL A 306 -3.60 -14.63 4.23
CA VAL A 306 -2.36 -14.28 3.55
C VAL A 306 -1.82 -15.50 2.85
N ILE A 307 -1.71 -15.36 1.53
CA ILE A 307 -1.12 -16.36 0.65
C ILE A 307 0.39 -16.10 0.58
N VAL A 308 1.19 -17.15 0.75
CA VAL A 308 2.64 -17.08 0.62
C VAL A 308 3.06 -17.69 -0.71
N LEU A 309 3.80 -16.93 -1.52
CA LEU A 309 4.33 -17.43 -2.79
C LEU A 309 5.85 -17.39 -2.73
N ASN A 310 6.50 -18.37 -3.33
CA ASN A 310 7.95 -18.35 -3.37
C ASN A 310 8.44 -17.45 -4.51
N ALA A 311 9.75 -17.41 -4.75
CA ALA A 311 10.34 -16.45 -5.70
C ALA A 311 9.95 -16.76 -7.15
N ASP A 312 9.48 -17.98 -7.40
CA ASP A 312 9.01 -18.38 -8.71
C ASP A 312 7.50 -18.22 -8.86
N PHE A 313 6.88 -17.55 -7.89
CA PHE A 313 5.44 -17.30 -7.86
C PHE A 313 4.60 -18.56 -7.77
N GLU A 314 5.14 -19.58 -7.10
CA GLU A 314 4.39 -20.75 -6.75
C GLU A 314 3.79 -20.54 -5.36
N ILE A 315 2.50 -20.83 -5.21
CA ILE A 315 1.85 -20.77 -3.90
C ILE A 315 2.39 -21.90 -3.01
N ILE A 316 2.96 -21.55 -1.87
CA ILE A 316 3.52 -22.53 -0.93
C ILE A 316 2.72 -22.64 0.38
N GLY A 317 1.77 -21.73 0.58
CA GLY A 317 0.89 -21.83 1.73
C GLY A 317 -0.07 -20.68 1.82
N GLU A 318 -1.01 -20.81 2.74
CA GLU A 318 -2.00 -19.77 2.97
C GLU A 318 -2.55 -19.90 4.36
N THR A 319 -2.58 -18.79 5.09
CA THR A 319 -3.05 -18.81 6.47
C THR A 319 -4.23 -17.86 6.62
N LYS A 320 -5.29 -18.33 7.27
CA LYS A 320 -6.51 -17.53 7.47
C LYS A 320 -6.42 -16.83 8.83
N PHE A 321 -6.95 -15.62 8.88
CA PHE A 321 -6.93 -14.81 10.08
C PHE A 321 -8.33 -14.39 10.47
N PRO A 322 -8.57 -14.27 11.78
CA PRO A 322 -9.89 -13.83 12.23
C PRO A 322 -10.11 -12.35 12.03
N GLY A 323 -11.37 -11.93 12.07
CA GLY A 323 -11.69 -10.51 12.16
C GLY A 323 -11.53 -10.01 13.59
N LYS A 324 -11.76 -8.71 13.78
CA LYS A 324 -11.82 -8.04 15.08
CA LYS A 324 -11.84 -8.08 15.11
C LYS A 324 -10.51 -8.15 15.87
N LYS A 325 -9.40 -8.27 15.14
CA LYS A 325 -8.10 -8.45 15.80
C LYS A 325 -6.98 -7.67 15.13
N TYR A 326 -6.87 -7.75 13.81
CA TYR A 326 -5.79 -7.10 13.09
C TYR A 326 -6.26 -5.90 12.29
N PHE A 327 -5.33 -4.97 12.08
CA PHE A 327 -5.53 -3.85 11.19
C PHE A 327 -4.52 -4.06 10.05
N TYR A 328 -4.91 -4.90 9.08
CA TYR A 328 -3.95 -5.37 8.08
C TYR A 328 -3.56 -4.31 7.07
N LYS A 329 -4.28 -3.20 7.03
CA LYS A 329 -3.87 -2.06 6.23
C LYS A 329 -2.67 -1.28 6.84
N SER A 331 0.62 -3.08 7.59
CA SER A 331 1.46 -4.26 7.56
C SER A 331 2.81 -3.87 6.94
N PHE A 332 3.87 -4.55 7.35
CA PHE A 332 5.19 -4.38 6.75
C PHE A 332 6.05 -5.60 6.95
N VAL A 333 7.03 -5.76 6.06
CA VAL A 333 7.99 -6.85 6.22
C VAL A 333 9.23 -6.28 6.89
N GLY A 334 9.63 -6.88 8.00
CA GLY A 334 10.85 -6.57 8.72
C GLY A 334 11.86 -7.69 8.61
N ARG A 335 13.03 -7.51 9.19
CA ARG A 335 14.05 -8.58 9.22
C ARG A 335 13.51 -9.91 9.72
N GLU A 336 12.68 -9.90 10.77
CA GLU A 336 12.21 -11.11 11.43
C GLU A 336 11.01 -11.77 10.80
N GLY A 337 10.27 -11.01 10.00
CA GLY A 337 9.08 -11.56 9.34
C GLY A 337 8.07 -10.52 8.89
N LEU A 338 6.83 -11.00 8.72
CA LEU A 338 5.70 -10.17 8.31
C LEU A 338 4.99 -9.63 9.52
N TYR A 339 4.97 -8.31 9.63
CA TYR A 339 4.34 -7.66 10.75
C TYR A 339 2.97 -7.14 10.35
N ILE A 340 1.96 -7.47 11.16
CA ILE A 340 0.59 -7.06 10.92
C ILE A 340 0.11 -6.37 12.18
N SER A 341 -0.42 -5.16 12.02
CA SER A 341 -0.87 -4.41 13.18
C SER A 341 -2.05 -5.05 13.85
N GLU A 342 -2.11 -4.87 15.18
CA GLU A 342 -3.28 -5.28 15.99
C GLU A 342 -4.15 -4.09 16.41
N ASN A 343 -3.99 -2.94 15.75
CA ASN A 343 -4.76 -1.74 16.10
C ASN A 343 -6.13 -1.73 15.39
N ASN A 344 -6.86 -2.83 15.58
CA ASN A 344 -8.28 -2.97 15.20
C ASN A 344 -9.10 -2.55 16.42
N LEU A 345 -10.01 -1.60 16.21
CA LEU A 345 -10.83 -1.04 17.27
CA LEU A 345 -10.83 -1.05 17.29
C LEU A 345 -11.59 -2.12 18.08
N GLU A 346 -11.86 -3.28 17.44
CA GLU A 346 -12.62 -4.35 18.11
CA GLU A 346 -12.62 -4.38 18.09
C GLU A 346 -11.73 -5.38 18.81
N ASN A 347 -10.41 -5.25 18.68
CA ASN A 347 -9.48 -6.06 19.42
C ASN A 347 -9.65 -5.69 20.91
N PRO A 348 -9.87 -6.69 21.78
CA PRO A 348 -10.04 -6.38 23.22
C PRO A 348 -8.86 -5.61 23.84
N GLN A 349 -7.67 -5.74 23.25
CA GLN A 349 -6.47 -5.07 23.78
CA GLN A 349 -6.48 -5.08 23.78
C GLN A 349 -6.17 -3.74 23.10
N PHE A 350 -7.04 -3.31 22.19
CA PHE A 350 -6.86 -2.04 21.48
C PHE A 350 -6.60 -0.88 22.42
N ASP A 351 -5.58 -0.10 22.08
CA ASP A 351 -5.22 1.09 22.80
C ASP A 351 -4.77 2.13 21.77
N GLU A 352 -5.47 3.25 21.67
CA GLU A 352 -5.16 4.22 20.66
C GLU A 352 -3.75 4.80 20.88
N ASN A 353 -3.19 4.65 22.08
CA ASN A 353 -1.82 5.18 22.33
C ASN A 353 -0.76 4.11 22.42
N LYS A 354 -1.00 2.98 21.76
CA LYS A 354 0.00 1.95 21.58
C LYS A 354 -0.11 1.38 20.17
N LEU A 355 0.91 1.61 19.36
CA LEU A 355 0.97 1.01 18.02
C LEU A 355 1.57 -0.38 18.14
N VAL A 356 0.76 -1.41 17.82
CA VAL A 356 1.11 -2.80 18.10
C VAL A 356 1.12 -3.60 16.81
N PHE A 357 2.15 -4.41 16.66
CA PHE A 357 2.28 -5.35 15.54
C PHE A 357 2.60 -6.73 16.03
N THR A 358 2.06 -7.76 15.36
CA THR A 358 2.49 -9.12 15.58
C THR A 358 3.36 -9.57 14.41
N CYS A 359 4.48 -10.21 14.72
CA CYS A 359 5.38 -10.75 13.72
C CYS A 359 4.98 -12.18 13.40
N PHE A 360 4.76 -12.45 12.12
CA PHE A 360 4.45 -13.79 11.63
C PHE A 360 5.61 -14.38 10.87
N LYS A 361 6.02 -15.57 11.31
CA LYS A 361 7.09 -16.34 10.66
C LYS A 361 6.53 -17.47 9.83
N ILE A 362 7.30 -17.88 8.84
CA ILE A 362 6.92 -18.96 7.94
C ILE A 362 7.38 -20.26 8.57
N LYS A 363 6.46 -21.18 8.82
CA LYS A 363 6.80 -22.51 9.39
C LYS A 363 6.27 -23.62 8.48
N ASN A 364 6.97 -24.76 8.43
CA ASN A 364 6.47 -25.92 7.69
C ASN A 364 5.13 -26.36 8.30
N ALA A 365 4.13 -26.62 7.46
CA ALA A 365 2.78 -26.99 7.92
C ALA A 365 2.65 -28.48 8.27
#